data_6IFV
#
_entry.id   6IFV
#
_cell.length_a   77.867
_cell.length_b   77.867
_cell.length_c   143.638
_cell.angle_alpha   90.00
_cell.angle_beta   90.00
_cell.angle_gamma   90.00
#
_symmetry.space_group_name_H-M   'P 41 21 2'
#
loop_
_entity.id
_entity.type
_entity.pdbx_description
1 polymer 'Ribosomal RNA small subunit methyltransferase A'
2 water water
#
_entity_poly.entity_id   1
_entity_poly.type   'polypeptide(L)'
_entity_poly.pdbx_seq_one_letter_code
;MNKDIATPIRTKEILKKYGFSFKKSLGQNFLIDTNILNRIVDHAEVTEKTGVIEIGPGIGALTEQLAKRAKKVVAFEIDQ
RLLPILKDTLSPYENVTVIHQDVLKADVKSVIEEQFQDCDEIMVVANLPYYVTTPIIMKLLEEHLPLKGIVVMLQKEVAE
RMAADPSSKEYGSLSIAVQFYTEAKTVMIVPKTVFVPQPNVDSAVIRLILRDGPA
;
_entity_poly.pdbx_strand_id   A,B
#
# COMPACT_ATOMS: atom_id res chain seq x y z
N LYS A 3 14.81 -33.81 5.89
CA LYS A 3 16.06 -33.38 6.58
C LYS A 3 15.90 -32.07 7.42
N ASP A 4 15.04 -31.12 6.99
CA ASP A 4 15.05 -29.68 7.43
C ASP A 4 14.78 -29.40 8.91
N ILE A 5 15.44 -28.40 9.49
CA ILE A 5 15.31 -28.04 10.93
C ILE A 5 13.84 -27.85 11.32
N ALA A 6 13.09 -27.19 10.45
CA ALA A 6 11.72 -26.82 10.71
C ALA A 6 10.66 -27.90 10.42
N THR A 7 11.03 -29.19 10.40
CA THR A 7 10.04 -30.25 10.26
C THR A 7 9.74 -30.74 11.67
N PRO A 8 8.47 -31.14 11.94
CA PRO A 8 8.13 -31.54 13.32
C PRO A 8 8.98 -32.68 13.90
N ILE A 9 9.40 -33.67 13.10
CA ILE A 9 10.28 -34.75 13.61
C ILE A 9 11.70 -34.25 13.98
N ARG A 10 12.25 -33.39 13.15
CA ARG A 10 13.60 -32.85 13.34
C ARG A 10 13.62 -31.87 14.51
N THR A 11 12.67 -30.94 14.51
CA THR A 11 12.50 -29.94 15.59
C THR A 11 12.34 -30.63 16.94
N LYS A 12 11.51 -31.65 17.01
CA LYS A 12 11.30 -32.40 18.26
C LYS A 12 12.56 -33.11 18.78
N GLU A 13 13.39 -33.64 17.87
CA GLU A 13 14.68 -34.27 18.25
C GLU A 13 15.66 -33.22 18.78
N ILE A 14 15.59 -32.01 18.21
CA ILE A 14 16.37 -30.86 18.69
C ILE A 14 15.88 -30.39 20.07
N LEU A 15 14.57 -30.36 20.29
CA LEU A 15 14.02 -30.02 21.62
C LEU A 15 14.33 -31.08 22.68
N LYS A 16 14.34 -32.37 22.33
CA LYS A 16 14.86 -33.43 23.22
C LYS A 16 16.33 -33.13 23.54
N LYS A 17 17.18 -33.02 22.51
CA LYS A 17 18.64 -32.91 22.70
C LYS A 17 19.13 -31.80 23.65
N TYR A 18 18.64 -30.57 23.47
CA TYR A 18 19.16 -29.41 24.22
C TYR A 18 18.21 -29.03 25.37
N GLY A 19 17.42 -30.00 25.84
CA GLY A 19 16.63 -29.87 27.06
C GLY A 19 15.54 -28.82 27.00
N PHE A 20 14.98 -28.58 25.81
CA PHE A 20 13.87 -27.62 25.61
C PHE A 20 12.53 -28.33 25.85
N SER A 21 11.56 -27.59 26.40
CA SER A 21 10.17 -28.04 26.51
C SER A 21 9.14 -26.89 26.38
N PHE A 22 7.88 -27.22 26.65
CA PHE A 22 6.76 -26.27 26.62
C PHE A 22 6.63 -25.48 27.93
N GLN A 28 10.65 -18.60 22.91
CA GLN A 28 10.49 -18.82 21.49
C GLN A 28 9.32 -19.77 21.11
N ASN A 29 8.42 -19.31 20.24
CA ASN A 29 7.41 -20.15 19.60
C ASN A 29 8.06 -20.66 18.33
N PHE A 30 7.95 -21.96 18.04
CA PHE A 30 8.71 -22.57 16.95
C PHE A 30 7.81 -22.77 15.73
N LEU A 31 8.26 -22.26 14.57
CA LEU A 31 7.67 -22.63 13.29
C LEU A 31 8.14 -24.05 12.90
N ILE A 32 7.12 -24.90 12.66
CA ILE A 32 7.27 -26.29 12.23
C ILE A 32 6.59 -26.55 10.85
N ASP A 33 6.64 -25.54 9.99
CA ASP A 33 6.20 -25.67 8.63
C ASP A 33 7.25 -25.05 7.70
N THR A 34 7.80 -25.89 6.84
CA THR A 34 8.83 -25.51 5.91
C THR A 34 8.29 -24.65 4.78
N ASN A 35 7.03 -24.86 4.43
CA ASN A 35 6.38 -24.11 3.36
C ASN A 35 6.29 -22.63 3.73
N ILE A 36 5.74 -22.36 4.90
CA ILE A 36 5.58 -20.99 5.38
C ILE A 36 6.92 -20.27 5.37
N LEU A 37 7.95 -20.91 5.93
CA LEU A 37 9.29 -20.33 5.99
C LEU A 37 9.81 -20.04 4.58
N ASN A 38 9.50 -20.90 3.63
CA ASN A 38 9.94 -20.64 2.26
C ASN A 38 9.17 -19.50 1.61
N ARG A 39 7.90 -19.35 1.95
CA ARG A 39 7.13 -18.22 1.47
C ARG A 39 7.68 -16.91 2.02
N ILE A 40 8.18 -16.93 3.27
CA ILE A 40 8.86 -15.76 3.83
C ILE A 40 10.10 -15.41 2.99
N VAL A 41 10.91 -16.42 2.68
CA VAL A 41 12.09 -16.24 1.84
C VAL A 41 11.71 -15.79 0.42
N ASP A 42 10.60 -16.30 -0.12
CA ASP A 42 10.09 -15.94 -1.47
C ASP A 42 9.79 -14.45 -1.57
N HIS A 43 8.97 -13.98 -0.63
CA HIS A 43 8.60 -12.57 -0.53
C HIS A 43 9.79 -11.66 -0.28
N ALA A 44 10.76 -12.16 0.48
CA ALA A 44 12.03 -11.46 0.66
C ALA A 44 12.94 -11.45 -0.58
N GLU A 45 12.59 -12.22 -1.63
CA GLU A 45 13.29 -12.20 -2.94
C GLU A 45 14.79 -12.53 -2.84
N VAL A 46 15.12 -13.57 -2.08
CA VAL A 46 16.50 -13.92 -1.74
C VAL A 46 17.09 -14.86 -2.82
N THR A 47 18.20 -14.44 -3.43
CA THR A 47 18.87 -15.15 -4.54
C THR A 47 20.39 -15.24 -4.33
N GLU A 48 21.10 -15.89 -5.24
CA GLU A 48 22.58 -15.87 -5.29
C GLU A 48 23.16 -14.46 -5.06
N LYS A 49 22.53 -13.44 -5.66
CA LYS A 49 22.86 -12.02 -5.43
C LYS A 49 22.72 -11.52 -3.96
N THR A 50 21.80 -12.11 -3.17
CA THR A 50 21.32 -11.51 -1.91
C THR A 50 22.18 -11.82 -0.69
N GLY A 51 22.35 -10.79 0.16
CA GLY A 51 22.90 -10.94 1.50
C GLY A 51 21.81 -10.68 2.52
N VAL A 52 21.76 -11.50 3.55
CA VAL A 52 20.65 -11.50 4.50
C VAL A 52 21.13 -11.29 5.95
N ILE A 53 20.69 -10.20 6.58
CA ILE A 53 20.80 -10.04 8.01
C ILE A 53 19.54 -10.67 8.66
N GLU A 54 19.74 -11.66 9.54
CA GLU A 54 18.66 -12.22 10.32
C GLU A 54 18.81 -11.81 11.78
N ILE A 55 17.71 -11.54 12.47
CA ILE A 55 17.71 -11.23 13.89
C ILE A 55 16.85 -12.27 14.57
N GLY A 56 17.39 -12.83 15.64
CA GLY A 56 16.72 -13.82 16.52
C GLY A 56 16.60 -15.18 15.89
N PRO A 57 17.72 -15.83 15.51
CA PRO A 57 17.66 -17.06 14.69
C PRO A 57 16.93 -18.23 15.31
N GLY A 58 16.88 -18.28 16.64
CA GLY A 58 16.18 -19.37 17.34
C GLY A 58 17.08 -20.59 17.28
N ILE A 59 16.54 -21.68 16.73
CA ILE A 59 17.34 -22.88 16.49
C ILE A 59 17.74 -23.06 15.03
N GLY A 60 17.48 -22.05 14.19
CA GLY A 60 17.87 -22.06 12.77
C GLY A 60 16.83 -22.40 11.71
N ALA A 61 15.57 -22.58 12.11
CA ALA A 61 14.50 -22.99 11.18
C ALA A 61 14.44 -22.08 9.96
N LEU A 62 14.22 -20.79 10.21
CA LEU A 62 14.19 -19.81 9.15
C LEU A 62 15.58 -19.55 8.55
N THR A 63 16.60 -19.61 9.41
CA THR A 63 17.99 -19.37 9.02
C THR A 63 18.46 -20.33 7.92
N GLU A 64 18.15 -21.61 8.12
CA GLU A 64 18.37 -22.65 7.15
C GLU A 64 17.82 -22.29 5.77
N GLN A 65 16.54 -21.96 5.71
CA GLN A 65 15.87 -21.79 4.42
C GLN A 65 16.43 -20.59 3.65
N LEU A 66 16.79 -19.54 4.39
CA LEU A 66 17.45 -18.38 3.82
C LEU A 66 18.85 -18.74 3.33
N ALA A 67 19.58 -19.48 4.17
CA ALA A 67 20.96 -19.87 3.87
C ALA A 67 21.10 -20.63 2.56
N LYS A 68 20.13 -21.51 2.29
CA LYS A 68 20.10 -22.27 1.03
C LYS A 68 20.16 -21.36 -0.20
N ARG A 69 19.40 -20.28 -0.21
CA ARG A 69 19.26 -19.46 -1.41
C ARG A 69 20.28 -18.31 -1.55
N ALA A 70 20.81 -17.81 -0.43
CA ALA A 70 21.54 -16.54 -0.44
C ALA A 70 23.05 -16.73 -0.51
N LYS A 71 23.77 -15.70 -1.01
CA LYS A 71 25.24 -15.66 -0.98
C LYS A 71 25.73 -15.81 0.44
N LYS A 72 25.10 -15.07 1.35
CA LYS A 72 25.46 -15.10 2.77
C LYS A 72 24.26 -14.75 3.66
N VAL A 73 24.31 -15.27 4.88
CA VAL A 73 23.38 -14.95 5.97
C VAL A 73 24.17 -14.62 7.24
N VAL A 74 24.01 -13.40 7.74
CA VAL A 74 24.62 -12.97 8.99
C VAL A 74 23.50 -12.90 10.01
N ALA A 75 23.65 -13.59 11.14
CA ALA A 75 22.55 -13.76 12.08
C ALA A 75 22.89 -13.24 13.47
N PHE A 76 22.29 -12.10 13.88
CA PHE A 76 22.50 -11.55 15.23
C PHE A 76 21.69 -12.32 16.30
N GLU A 77 22.37 -12.86 17.33
CA GLU A 77 21.73 -13.61 18.43
C GLU A 77 22.34 -13.24 19.76
N ILE A 78 21.46 -12.90 20.72
CA ILE A 78 21.86 -12.34 22.03
C ILE A 78 22.07 -13.40 23.13
N ASP A 79 21.27 -14.47 23.08
CA ASP A 79 21.26 -15.51 24.11
C ASP A 79 22.46 -16.47 23.97
N GLN A 80 23.29 -16.54 25.02
CA GLN A 80 24.46 -17.46 25.07
C GLN A 80 24.07 -18.92 24.74
N ARG A 81 22.96 -19.39 25.32
CA ARG A 81 22.56 -20.80 25.20
C ARG A 81 22.22 -21.29 23.79
N LEU A 82 21.90 -20.37 22.87
CA LEU A 82 21.55 -20.76 21.50
C LEU A 82 22.75 -20.88 20.56
N LEU A 83 23.89 -20.29 20.93
CA LEU A 83 25.10 -20.38 20.08
C LEU A 83 25.63 -21.81 19.80
N PRO A 84 25.76 -22.67 20.82
CA PRO A 84 26.19 -24.07 20.54
C PRO A 84 25.20 -24.88 19.71
N ILE A 85 23.91 -24.55 19.83
CA ILE A 85 22.83 -25.21 19.09
C ILE A 85 22.89 -24.83 17.60
N LEU A 86 23.05 -23.53 17.33
CA LEU A 86 23.22 -23.02 15.96
C LEU A 86 24.47 -23.58 15.28
N LYS A 87 25.56 -23.74 16.04
CA LYS A 87 26.80 -24.36 15.53
C LYS A 87 26.51 -25.78 15.02
N ASP A 88 25.66 -26.50 15.77
CA ASP A 88 25.22 -27.88 15.44
C ASP A 88 24.19 -27.96 14.30
N THR A 89 23.05 -27.27 14.45
CA THR A 89 21.92 -27.41 13.48
C THR A 89 22.23 -26.81 12.11
N LEU A 90 23.04 -25.75 12.08
CA LEU A 90 23.42 -25.08 10.84
C LEU A 90 24.85 -25.38 10.37
N SER A 91 25.44 -26.47 10.88
CA SER A 91 26.76 -26.95 10.40
C SER A 91 26.82 -27.32 8.92
N PRO A 92 25.72 -27.82 8.31
CA PRO A 92 25.70 -27.98 6.85
C PRO A 92 25.95 -26.75 5.96
N TYR A 93 26.09 -25.55 6.52
CA TYR A 93 26.12 -24.32 5.72
C TYR A 93 27.37 -23.46 5.96
N GLU A 94 28.24 -23.41 4.94
CA GLU A 94 29.48 -22.64 5.01
C GLU A 94 29.31 -21.14 4.77
N ASN A 95 28.07 -20.64 4.77
CA ASN A 95 27.76 -19.24 4.43
C ASN A 95 26.90 -18.57 5.49
N VAL A 96 27.01 -19.04 6.73
CA VAL A 96 26.15 -18.53 7.81
C VAL A 96 27.01 -18.14 9.01
N THR A 97 27.27 -16.84 9.17
CA THR A 97 28.03 -16.31 10.32
C THR A 97 27.05 -15.90 11.44
N VAL A 98 27.25 -16.44 12.64
CA VAL A 98 26.40 -16.12 13.81
C VAL A 98 27.11 -15.10 14.67
N ILE A 99 26.65 -13.84 14.63
CA ILE A 99 27.15 -12.80 15.52
C ILE A 99 26.41 -12.83 16.88
N HIS A 100 27.18 -12.81 17.96
CA HIS A 100 26.65 -12.83 19.32
C HIS A 100 26.63 -11.39 19.80
N GLN A 101 25.63 -10.65 19.37
CA GLN A 101 25.48 -9.25 19.73
C GLN A 101 24.01 -8.86 19.78
N ASP A 102 23.69 -7.80 20.52
CA ASP A 102 22.35 -7.23 20.52
C ASP A 102 22.29 -6.26 19.36
N VAL A 103 21.47 -6.55 18.34
CA VAL A 103 21.40 -5.72 17.12
C VAL A 103 21.06 -4.25 17.37
N LEU A 104 20.44 -3.95 18.51
CA LEU A 104 20.16 -2.57 18.92
C LEU A 104 21.42 -1.77 19.26
N LYS A 105 22.51 -2.46 19.61
CA LYS A 105 23.81 -1.84 19.93
C LYS A 105 24.81 -1.86 18.75
N ALA A 106 24.62 -2.76 17.80
CA ALA A 106 25.61 -2.93 16.75
C ALA A 106 25.69 -1.75 15.80
N ASP A 107 26.89 -1.50 15.26
CA ASP A 107 27.05 -0.66 14.09
C ASP A 107 26.84 -1.56 12.85
N VAL A 108 25.59 -1.62 12.41
CA VAL A 108 25.20 -2.53 11.33
C VAL A 108 25.81 -2.04 10.00
N LYS A 109 26.02 -0.73 9.85
CA LYS A 109 26.64 -0.19 8.63
C LYS A 109 28.02 -0.80 8.38
N SER A 110 28.85 -0.84 9.41
CA SER A 110 30.21 -1.42 9.32
C SER A 110 30.19 -2.96 9.28
N VAL A 111 29.14 -3.60 9.80
CA VAL A 111 28.97 -5.06 9.70
C VAL A 111 28.62 -5.45 8.25
N ILE A 112 27.87 -4.59 7.55
CA ILE A 112 27.50 -4.84 6.15
C ILE A 112 28.74 -4.81 5.23
N GLU A 113 29.56 -3.78 5.40
CA GLU A 113 30.81 -3.67 4.65
C GLU A 113 31.78 -4.82 4.96
N GLU A 114 31.89 -5.22 6.22
CA GLU A 114 32.75 -6.34 6.61
C GLU A 114 32.30 -7.70 6.06
N GLN A 115 30.99 -7.93 5.92
CA GLN A 115 30.44 -9.30 5.66
C GLN A 115 29.76 -9.53 4.27
N PHE A 116 29.40 -8.46 3.56
CA PHE A 116 28.67 -8.60 2.29
C PHE A 116 29.38 -7.86 1.17
N GLN A 117 30.70 -7.95 1.10
CA GLN A 117 31.45 -7.45 -0.09
C GLN A 117 31.15 -8.28 -1.37
N ASP A 118 30.66 -9.51 -1.20
CA ASP A 118 30.37 -10.46 -2.27
C ASP A 118 28.86 -10.50 -2.62
N CYS A 119 28.16 -9.34 -2.52
CA CYS A 119 26.69 -9.25 -2.56
C CYS A 119 26.13 -7.99 -3.30
N ASP A 120 25.10 -8.20 -4.13
CA ASP A 120 24.49 -7.13 -4.93
C ASP A 120 23.35 -6.35 -4.24
N GLU A 121 22.66 -6.97 -3.28
CA GLU A 121 21.62 -6.32 -2.46
C GLU A 121 21.62 -6.88 -1.03
N ILE A 122 20.98 -6.15 -0.10
CA ILE A 122 20.88 -6.58 1.32
C ILE A 122 19.45 -6.52 1.88
N MET A 123 18.99 -7.64 2.45
CA MET A 123 17.67 -7.74 3.06
C MET A 123 17.80 -8.12 4.51
N VAL A 124 16.95 -7.53 5.35
CA VAL A 124 16.77 -8.00 6.71
C VAL A 124 15.55 -8.89 6.70
N VAL A 125 15.67 -10.05 7.35
CA VAL A 125 14.58 -11.04 7.40
C VAL A 125 14.50 -11.57 8.81
N ALA A 126 13.34 -11.54 9.43
CA ALA A 126 13.29 -11.90 10.85
C ALA A 126 11.94 -12.39 11.30
N ASN A 127 11.96 -12.91 12.52
CA ASN A 127 10.81 -13.43 13.18
C ASN A 127 10.98 -13.00 14.63
N LEU A 128 10.45 -11.84 14.97
CA LEU A 128 10.76 -11.18 16.23
C LEU A 128 9.69 -11.42 17.30
N PRO A 129 10.11 -11.47 18.58
CA PRO A 129 9.13 -11.45 19.70
C PRO A 129 8.48 -10.09 19.86
N TYR A 130 7.32 -10.04 20.51
CA TYR A 130 6.53 -8.81 20.51
C TYR A 130 7.25 -7.60 21.14
N TYR A 131 7.82 -7.79 22.34
CA TYR A 131 8.45 -6.68 23.11
C TYR A 131 9.53 -5.93 22.33
N VAL A 132 10.27 -6.63 21.46
CA VAL A 132 11.38 -6.04 20.69
C VAL A 132 11.06 -5.60 19.26
N THR A 133 9.94 -6.08 18.70
CA THR A 133 9.69 -5.87 17.26
C THR A 133 9.86 -4.41 16.80
N THR A 134 8.99 -3.54 17.27
CA THR A 134 9.02 -2.13 16.84
C THR A 134 10.38 -1.44 17.05
N PRO A 135 11.01 -1.56 18.22
CA PRO A 135 12.37 -0.98 18.42
C PRO A 135 13.46 -1.36 17.40
N ILE A 136 13.60 -2.66 17.10
CA ILE A 136 14.59 -3.13 16.12
C ILE A 136 14.29 -2.58 14.73
N ILE A 137 13.05 -2.71 14.29
CA ILE A 137 12.62 -2.18 13.00
C ILE A 137 13.04 -0.72 12.90
N MET A 138 12.68 0.04 13.92
CA MET A 138 12.88 1.47 13.95
C MET A 138 14.34 1.89 14.11
N LYS A 139 15.09 1.16 14.93
CA LYS A 139 16.52 1.36 15.00
C LYS A 139 17.14 1.17 13.60
N LEU A 140 16.74 0.12 12.88
CA LEU A 140 17.32 -0.21 11.59
C LEU A 140 17.04 0.84 10.52
N LEU A 141 15.82 1.36 10.51
CA LEU A 141 15.42 2.35 9.52
C LEU A 141 16.02 3.72 9.80
N GLU A 142 16.13 4.08 11.09
CA GLU A 142 16.76 5.32 11.52
C GLU A 142 18.27 5.32 11.32
N GLU A 143 18.89 4.12 11.33
CA GLU A 143 20.35 3.97 11.16
C GLU A 143 20.83 4.24 9.72
N HIS A 144 19.91 4.45 8.78
CA HIS A 144 20.22 4.78 7.36
C HIS A 144 21.21 3.82 6.72
N LEU A 145 20.78 2.57 6.59
CA LEU A 145 21.61 1.48 6.07
C LEU A 145 21.34 1.34 4.58
N PRO A 146 22.22 0.62 3.86
CA PRO A 146 21.98 0.35 2.44
C PRO A 146 21.21 -0.99 2.23
N LEU A 147 19.91 -0.95 2.49
CA LEU A 147 19.05 -2.15 2.39
C LEU A 147 18.08 -2.09 1.20
N LYS A 148 17.81 -3.23 0.56
CA LYS A 148 16.62 -3.34 -0.30
C LYS A 148 15.36 -3.21 0.56
N GLY A 149 15.30 -3.99 1.64
CA GLY A 149 14.07 -4.07 2.44
C GLY A 149 14.16 -4.95 3.67
N ILE A 150 13.06 -4.96 4.40
CA ILE A 150 12.94 -5.66 5.66
C ILE A 150 11.66 -6.53 5.57
N VAL A 151 11.82 -7.85 5.69
CA VAL A 151 10.68 -8.76 5.81
C VAL A 151 10.68 -9.34 7.22
N VAL A 152 9.70 -8.95 8.04
CA VAL A 152 9.61 -9.51 9.37
C VAL A 152 8.26 -10.11 9.68
N MET A 153 8.31 -11.18 10.48
CA MET A 153 7.14 -11.77 11.05
C MET A 153 6.94 -11.09 12.38
N LEU A 154 5.77 -10.50 12.57
CA LEU A 154 5.39 -9.87 13.85
C LEU A 154 3.91 -10.16 14.16
N GLN A 155 3.32 -9.57 15.19
CA GLN A 155 1.89 -9.80 15.45
C GLN A 155 0.99 -9.05 14.48
N LYS A 156 -0.08 -9.70 14.01
CA LYS A 156 -1.00 -9.13 12.98
C LYS A 156 -1.50 -7.75 13.39
N GLU A 157 -1.88 -7.60 14.67
CA GLU A 157 -2.37 -6.33 15.20
C GLU A 157 -1.35 -5.19 15.09
N VAL A 158 -0.05 -5.51 15.09
CA VAL A 158 1.03 -4.52 14.88
C VAL A 158 1.19 -4.23 13.39
N ALA A 159 1.21 -5.28 12.57
CA ALA A 159 1.23 -5.12 11.10
C ALA A 159 0.11 -4.19 10.65
N GLU A 160 -1.11 -4.50 11.11
CA GLU A 160 -2.29 -3.70 10.84
C GLU A 160 -2.03 -2.20 10.95
N ARG A 161 -1.28 -1.81 11.97
CA ARG A 161 -0.91 -0.39 12.20
C ARG A 161 0.35 0.05 11.41
N MET A 162 1.33 -0.82 11.24
CA MET A 162 2.53 -0.45 10.47
C MET A 162 2.25 -0.20 8.99
N ALA A 163 1.48 -1.10 8.38
CA ALA A 163 1.09 -0.98 6.95
C ALA A 163 -0.30 -0.37 6.72
N ALA A 164 -0.85 0.28 7.74
CA ALA A 164 -2.17 0.87 7.66
C ALA A 164 -2.20 1.85 6.51
N ASP A 165 -3.27 1.81 5.70
CA ASP A 165 -3.52 2.82 4.69
C ASP A 165 -3.98 4.13 5.35
N PRO A 166 -3.54 5.29 4.84
CA PRO A 166 -3.99 6.57 5.42
C PRO A 166 -5.51 6.72 5.68
N SER A 167 -6.34 6.11 4.84
CA SER A 167 -7.78 6.10 5.07
C SER A 167 -8.25 5.24 6.24
N SER A 168 -7.37 4.47 6.84
CA SER A 168 -7.75 3.49 7.86
C SER A 168 -7.98 4.19 9.18
N LYS A 169 -8.92 3.65 9.98
CA LYS A 169 -9.11 4.07 11.38
C LYS A 169 -7.85 3.77 12.22
N GLU A 170 -7.05 2.81 11.78
CA GLU A 170 -5.81 2.41 12.47
C GLU A 170 -4.55 3.16 12.00
N TYR A 171 -4.70 4.14 11.11
CA TYR A 171 -3.54 4.90 10.67
C TYR A 171 -3.15 5.86 11.77
N GLY A 172 -1.90 5.79 12.24
CA GLY A 172 -1.43 6.68 13.31
C GLY A 172 0.07 6.88 13.30
N SER A 173 0.61 7.29 14.44
CA SER A 173 2.03 7.61 14.52
C SER A 173 2.90 6.43 14.10
N LEU A 174 2.58 5.23 14.57
CA LEU A 174 3.36 4.05 14.15
C LEU A 174 3.40 3.88 12.64
N SER A 175 2.22 3.99 12.01
CA SER A 175 2.08 3.97 10.56
C SER A 175 2.96 5.02 9.89
N ILE A 176 2.82 6.25 10.34
CA ILE A 176 3.58 7.39 9.79
C ILE A 176 5.09 7.13 9.94
N ALA A 177 5.51 6.63 11.10
CA ALA A 177 6.92 6.36 11.32
C ALA A 177 7.47 5.39 10.26
N VAL A 178 6.85 4.22 10.14
CA VAL A 178 7.38 3.15 9.31
C VAL A 178 7.28 3.57 7.83
N GLN A 179 6.16 4.20 7.47
CA GLN A 179 5.91 4.57 6.08
C GLN A 179 6.74 5.76 5.65
N PHE A 180 7.28 6.49 6.62
CA PHE A 180 8.23 7.58 6.34
C PHE A 180 9.45 7.08 5.64
N TYR A 181 9.95 5.94 6.11
CA TYR A 181 11.17 5.33 5.57
C TYR A 181 10.90 4.23 4.55
N THR A 182 9.70 3.62 4.57
CA THR A 182 9.43 2.45 3.72
C THR A 182 8.07 2.49 3.06
N GLU A 183 7.94 1.66 2.03
CA GLU A 183 6.62 1.24 1.53
C GLU A 183 6.28 -0.06 2.27
N ALA A 184 5.20 -0.03 3.04
CA ALA A 184 4.87 -1.14 3.96
C ALA A 184 3.66 -1.91 3.43
N LYS A 185 3.75 -3.23 3.38
CA LYS A 185 2.58 -4.06 3.05
C LYS A 185 2.66 -5.44 3.69
N THR A 186 1.56 -5.89 4.27
CA THR A 186 1.42 -7.28 4.68
C THR A 186 1.34 -8.20 3.47
N VAL A 187 2.21 -9.20 3.46
CA VAL A 187 2.28 -10.17 2.37
C VAL A 187 1.89 -11.60 2.79
N MET A 188 1.75 -11.90 4.08
CA MET A 188 1.22 -13.19 4.60
C MET A 188 0.51 -13.01 5.95
N ILE A 189 -0.53 -13.80 6.19
CA ILE A 189 -1.10 -13.96 7.52
C ILE A 189 -0.70 -15.34 7.96
N VAL A 190 -0.07 -15.44 9.13
CA VAL A 190 0.44 -16.68 9.63
C VAL A 190 -0.35 -17.06 10.90
N PRO A 191 -1.17 -18.12 10.83
CA PRO A 191 -2.11 -18.34 11.92
C PRO A 191 -1.45 -18.95 13.14
N LYS A 192 -2.16 -18.86 14.27
CA LYS A 192 -1.76 -19.44 15.56
C LYS A 192 -1.32 -20.90 15.47
N THR A 193 -2.05 -21.65 14.66
CA THR A 193 -1.93 -23.12 14.63
C THR A 193 -0.64 -23.64 14.00
N VAL A 194 0.15 -22.78 13.36
CA VAL A 194 1.37 -23.20 12.67
C VAL A 194 2.64 -23.09 13.55
N PHE A 195 2.45 -22.74 14.83
CA PHE A 195 3.53 -22.68 15.83
C PHE A 195 3.34 -23.72 16.93
N VAL A 196 4.46 -24.14 17.54
CA VAL A 196 4.41 -24.94 18.78
C VAL A 196 5.30 -24.28 19.83
N PRO A 197 4.77 -23.93 21.02
CA PRO A 197 3.36 -23.97 21.32
C PRO A 197 2.60 -22.87 20.58
N GLN A 198 1.30 -23.06 20.45
CA GLN A 198 0.40 -22.10 19.81
C GLN A 198 0.51 -20.73 20.51
N PRO A 199 0.72 -19.64 19.75
CA PRO A 199 0.79 -18.38 20.43
C PRO A 199 -0.62 -17.89 20.77
N ASN A 200 -0.69 -16.78 21.50
CA ASN A 200 -1.95 -16.12 21.86
C ASN A 200 -2.72 -15.60 20.63
N VAL A 201 -2.01 -15.07 19.64
CA VAL A 201 -2.65 -14.41 18.49
C VAL A 201 -2.06 -14.83 17.16
N ASP A 202 -2.78 -14.50 16.08
CA ASP A 202 -2.24 -14.65 14.73
C ASP A 202 -1.12 -13.61 14.49
N SER A 203 -0.14 -14.02 13.70
CA SER A 203 0.97 -13.21 13.34
C SER A 203 0.72 -12.77 11.91
N ALA A 204 1.65 -12.03 11.32
CA ALA A 204 1.62 -11.64 9.93
C ALA A 204 3.04 -11.39 9.46
N VAL A 205 3.30 -11.53 8.16
CA VAL A 205 4.61 -11.17 7.59
C VAL A 205 4.49 -9.86 6.79
N ILE A 206 5.19 -8.84 7.28
CA ILE A 206 5.15 -7.53 6.67
C ILE A 206 6.42 -7.34 5.87
N ARG A 207 6.29 -6.75 4.70
CA ARG A 207 7.43 -6.38 3.86
C ARG A 207 7.53 -4.87 3.80
N LEU A 208 8.73 -4.39 4.14
CA LEU A 208 9.04 -2.98 4.11
C LEU A 208 10.14 -2.81 3.08
N ILE A 209 9.89 -1.99 2.06
CA ILE A 209 10.91 -1.69 1.06
C ILE A 209 11.28 -0.24 1.30
N LEU A 210 12.58 0.03 1.38
CA LEU A 210 13.08 1.37 1.73
C LEU A 210 12.99 2.31 0.55
N ARG A 211 13.26 3.59 0.80
CA ARG A 211 13.32 4.65 -0.26
C ARG A 211 14.73 5.26 -0.35
N ASP B 4 -10.65 32.00 -10.49
CA ASP B 4 -11.06 30.61 -10.89
C ASP B 4 -12.40 30.10 -10.36
N ILE B 5 -13.00 29.18 -11.14
CA ILE B 5 -14.28 28.52 -10.81
C ILE B 5 -14.27 27.99 -9.37
N ALA B 6 -13.16 27.39 -8.95
CA ALA B 6 -13.09 26.72 -7.67
C ALA B 6 -12.69 27.61 -6.49
N THR B 7 -13.00 28.91 -6.53
CA THR B 7 -12.82 29.77 -5.35
C THR B 7 -14.18 29.85 -4.68
N PRO B 8 -14.21 29.92 -3.33
CA PRO B 8 -15.50 29.90 -2.63
C PRO B 8 -16.52 30.99 -3.08
N ILE B 9 -16.03 32.21 -3.32
CA ILE B 9 -16.92 33.31 -3.74
C ILE B 9 -17.42 33.12 -5.17
N ARG B 10 -16.56 32.64 -6.07
CA ARG B 10 -16.94 32.41 -7.46
C ARG B 10 -17.93 31.26 -7.59
N THR B 11 -17.60 30.12 -6.95
CA THR B 11 -18.47 28.94 -6.98
C THR B 11 -19.88 29.26 -6.47
N LYS B 12 -19.92 29.97 -5.33
CA LYS B 12 -21.17 30.33 -4.70
C LYS B 12 -22.04 31.26 -5.59
N GLU B 13 -21.38 32.21 -6.28
CA GLU B 13 -22.04 33.16 -7.18
C GLU B 13 -22.62 32.44 -8.38
N ILE B 14 -21.91 31.40 -8.85
CA ILE B 14 -22.39 30.56 -9.95
C ILE B 14 -23.59 29.72 -9.52
N LEU B 15 -23.54 29.17 -8.31
CA LEU B 15 -24.70 28.41 -7.78
C LEU B 15 -25.94 29.29 -7.52
N LYS B 16 -25.73 30.54 -7.07
CA LYS B 16 -26.84 31.54 -7.04
C LYS B 16 -27.37 31.76 -8.45
N LYS B 17 -26.50 32.17 -9.37
CA LYS B 17 -26.92 32.59 -10.74
C LYS B 17 -27.80 31.61 -11.54
N TYR B 18 -27.51 30.30 -11.47
CA TYR B 18 -28.37 29.29 -12.10
C TYR B 18 -29.42 28.69 -11.14
N GLY B 19 -29.66 29.39 -10.04
CA GLY B 19 -30.72 29.13 -9.09
C GLY B 19 -30.68 27.78 -8.42
N PHE B 20 -29.46 27.28 -8.17
CA PHE B 20 -29.23 25.88 -7.74
C PHE B 20 -29.36 25.79 -6.22
N SER B 21 -29.97 24.71 -5.76
CA SER B 21 -30.52 24.65 -4.38
C SER B 21 -30.33 23.25 -3.84
N PHE B 22 -29.70 23.12 -2.67
CA PHE B 22 -29.15 21.85 -2.17
C PHE B 22 -30.19 20.92 -1.47
N LYS B 23 -29.97 19.61 -1.61
CA LYS B 23 -30.93 18.59 -1.16
C LYS B 23 -30.80 18.28 0.35
N LYS B 24 -30.79 17.00 0.71
CA LYS B 24 -30.22 16.54 1.98
C LYS B 24 -29.78 15.03 1.85
N SER B 25 -28.83 14.79 0.93
CA SER B 25 -28.01 13.54 0.83
C SER B 25 -27.01 13.61 -0.32
N GLN B 28 -24.97 16.16 -3.52
CA GLN B 28 -23.87 16.65 -4.39
C GLN B 28 -22.96 17.71 -3.70
N ASN B 29 -21.65 17.39 -3.62
CA ASN B 29 -20.68 18.25 -2.94
C ASN B 29 -19.68 18.86 -3.93
N PHE B 30 -19.60 20.19 -3.95
CA PHE B 30 -18.83 20.93 -4.97
C PHE B 30 -17.47 21.37 -4.46
N LEU B 31 -16.44 21.07 -5.25
CA LEU B 31 -15.05 21.31 -4.86
C LEU B 31 -14.64 22.78 -4.97
N ILE B 32 -14.18 23.34 -3.85
CA ILE B 32 -13.95 24.79 -3.69
C ILE B 32 -12.53 25.19 -3.25
N ASP B 33 -11.49 24.37 -3.46
CA ASP B 33 -10.11 24.84 -3.18
C ASP B 33 -9.14 24.51 -4.32
N THR B 34 -8.41 25.51 -4.77
CA THR B 34 -7.59 25.42 -5.97
C THR B 34 -6.28 24.69 -5.68
N ASN B 35 -5.72 24.84 -4.49
CA ASN B 35 -4.46 24.10 -4.18
C ASN B 35 -4.75 22.59 -4.04
N ILE B 36 -5.85 22.27 -3.36
CA ILE B 36 -6.29 20.89 -3.15
C ILE B 36 -6.55 20.21 -4.51
N LEU B 37 -7.25 20.93 -5.39
CA LEU B 37 -7.55 20.48 -6.73
C LEU B 37 -6.32 20.25 -7.56
N ASN B 38 -5.31 21.09 -7.39
CA ASN B 38 -4.07 20.88 -8.13
C ASN B 38 -3.28 19.68 -7.62
N ARG B 39 -3.33 19.44 -6.31
CA ARG B 39 -2.70 18.26 -5.74
C ARG B 39 -3.39 16.98 -6.27
N ILE B 40 -4.71 17.04 -6.48
CA ILE B 40 -5.43 15.92 -7.11
C ILE B 40 -4.91 15.68 -8.54
N VAL B 41 -4.75 16.74 -9.31
CA VAL B 41 -4.20 16.63 -10.66
C VAL B 41 -2.74 16.14 -10.64
N ASP B 42 -1.97 16.58 -9.64
CA ASP B 42 -0.56 16.17 -9.45
C ASP B 42 -0.44 14.65 -9.28
N HIS B 43 -1.18 14.13 -8.31
CA HIS B 43 -1.25 12.69 -8.02
C HIS B 43 -1.77 11.88 -9.21
N ALA B 44 -2.71 12.45 -9.96
CA ALA B 44 -3.16 11.83 -11.20
C ALA B 44 -2.14 11.89 -12.36
N GLU B 45 -1.03 12.61 -12.18
CA GLU B 45 0.11 12.64 -13.13
C GLU B 45 -0.29 13.08 -14.55
N VAL B 46 -1.07 14.17 -14.61
CA VAL B 46 -1.68 14.64 -15.85
C VAL B 46 -0.73 15.65 -16.54
N THR B 47 -0.38 15.36 -17.81
CA THR B 47 0.54 16.18 -18.61
C THR B 47 -0.01 16.41 -20.03
N GLU B 48 0.73 17.16 -20.86
CA GLU B 48 0.45 17.30 -22.31
C GLU B 48 0.08 15.95 -22.97
N LYS B 49 0.81 14.89 -22.60
CA LYS B 49 0.53 13.51 -23.04
C LYS B 49 -0.85 12.94 -22.62
N THR B 50 -1.42 13.42 -21.50
CA THR B 50 -2.52 12.71 -20.81
C THR B 50 -3.92 13.05 -21.35
N GLY B 51 -4.75 12.01 -21.45
CA GLY B 51 -6.18 12.13 -21.67
C GLY B 51 -6.92 11.73 -20.41
N VAL B 52 -7.94 12.52 -20.05
CA VAL B 52 -8.64 12.35 -18.78
C VAL B 52 -10.14 12.13 -18.99
N ILE B 53 -10.63 10.98 -18.55
CA ILE B 53 -12.07 10.77 -18.35
C ILE B 53 -12.44 11.26 -16.94
N GLU B 54 -13.30 12.26 -16.83
CA GLU B 54 -13.71 12.79 -15.54
C GLU B 54 -15.15 12.41 -15.28
N ILE B 55 -15.45 11.95 -14.05
CA ILE B 55 -16.80 11.50 -13.72
C ILE B 55 -17.27 12.38 -12.58
N GLY B 56 -18.44 13.01 -12.75
CA GLY B 56 -19.01 13.96 -11.79
C GLY B 56 -18.31 15.31 -11.76
N PRO B 57 -18.31 16.03 -12.88
CA PRO B 57 -17.61 17.33 -12.96
C PRO B 57 -18.01 18.42 -11.97
N GLY B 58 -19.25 18.36 -11.49
CA GLY B 58 -19.83 19.43 -10.67
C GLY B 58 -20.12 20.61 -11.56
N ILE B 59 -19.58 21.78 -11.22
CA ILE B 59 -19.67 22.95 -12.08
C ILE B 59 -18.35 23.25 -12.81
N GLY B 60 -17.42 22.32 -12.79
CA GLY B 60 -16.15 22.43 -13.52
C GLY B 60 -14.89 22.78 -12.71
N ALA B 61 -15.00 22.85 -11.38
CA ALA B 61 -13.88 23.26 -10.54
C ALA B 61 -12.64 22.42 -10.80
N LEU B 62 -12.76 21.11 -10.64
CA LEU B 62 -11.65 20.19 -10.91
C LEU B 62 -11.40 20.07 -12.41
N THR B 63 -12.47 20.15 -13.20
CA THR B 63 -12.42 20.02 -14.66
C THR B 63 -11.52 21.07 -15.30
N GLU B 64 -11.70 22.30 -14.87
CA GLU B 64 -10.82 23.44 -15.19
C GLU B 64 -9.35 23.10 -15.00
N GLN B 65 -8.98 22.68 -13.79
CA GLN B 65 -7.57 22.49 -13.44
C GLN B 65 -6.95 21.34 -14.22
N LEU B 66 -7.73 20.31 -14.49
CA LEU B 66 -7.33 19.20 -15.36
C LEU B 66 -7.17 19.66 -16.78
N ALA B 67 -8.15 20.44 -17.26
CA ALA B 67 -8.17 20.92 -18.65
C ALA B 67 -6.93 21.71 -19.02
N LYS B 68 -6.45 22.53 -18.07
CA LYS B 68 -5.21 23.29 -18.25
C LYS B 68 -4.02 22.42 -18.63
N ARG B 69 -3.85 21.32 -17.94
CA ARG B 69 -2.65 20.49 -18.10
C ARG B 69 -2.73 19.39 -19.17
N ALA B 70 -3.93 18.92 -19.50
CA ALA B 70 -4.07 17.69 -20.30
C ALA B 70 -4.35 17.99 -21.76
N LYS B 71 -4.04 17.04 -22.64
CA LYS B 71 -4.40 17.09 -24.07
C LYS B 71 -5.91 17.22 -24.21
N LYS B 72 -6.63 16.41 -23.45
CA LYS B 72 -8.08 16.36 -23.51
C LYS B 72 -8.69 15.91 -22.18
N VAL B 73 -9.92 16.38 -21.93
CA VAL B 73 -10.75 15.98 -20.79
C VAL B 73 -12.17 15.67 -21.28
N VAL B 74 -12.59 14.42 -21.13
CA VAL B 74 -13.93 13.99 -21.49
C VAL B 74 -14.67 13.79 -20.18
N ALA B 75 -15.82 14.45 -19.99
CA ALA B 75 -16.45 14.55 -18.67
C ALA B 75 -17.87 14.03 -18.66
N PHE B 76 -18.10 12.84 -18.08
CA PHE B 76 -19.44 12.26 -17.94
C PHE B 76 -20.22 12.90 -16.78
N GLU B 77 -21.44 13.40 -17.07
CA GLU B 77 -22.33 14.01 -16.04
C GLU B 77 -23.79 13.62 -16.25
N ILE B 78 -24.47 13.20 -15.18
CA ILE B 78 -25.88 12.73 -15.23
C ILE B 78 -26.95 13.77 -14.88
N ASP B 79 -26.64 14.70 -13.97
CA ASP B 79 -27.58 15.69 -13.42
C ASP B 79 -28.04 16.75 -14.45
N GLN B 80 -29.35 16.81 -14.70
CA GLN B 80 -29.96 17.77 -15.64
C GLN B 80 -29.51 19.22 -15.37
N ARG B 81 -29.52 19.63 -14.10
CA ARG B 81 -29.26 21.02 -13.72
C ARG B 81 -27.85 21.55 -14.07
N LEU B 82 -26.87 20.65 -14.17
CA LEU B 82 -25.46 21.03 -14.26
C LEU B 82 -24.98 21.22 -15.70
N LEU B 83 -25.70 20.66 -16.68
CA LEU B 83 -25.30 20.74 -18.08
C LEU B 83 -25.24 22.19 -18.67
N PRO B 84 -26.28 23.04 -18.41
CA PRO B 84 -26.18 24.44 -18.87
C PRO B 84 -25.05 25.25 -18.24
N ILE B 85 -24.72 24.89 -17.00
CA ILE B 85 -23.67 25.55 -16.20
C ILE B 85 -22.28 25.19 -16.77
N LEU B 86 -22.06 23.90 -17.03
CA LEU B 86 -20.83 23.40 -17.66
C LEU B 86 -20.59 24.01 -19.05
N LYS B 87 -21.68 24.19 -19.82
CA LYS B 87 -21.60 24.83 -21.14
C LYS B 87 -21.02 26.25 -20.99
N ASP B 88 -21.47 26.95 -19.94
CA ASP B 88 -21.02 28.31 -19.61
C ASP B 88 -19.61 28.40 -18.97
N THR B 89 -19.38 27.69 -17.86
CA THR B 89 -18.12 27.83 -17.09
C THR B 89 -16.92 27.25 -17.82
N LEU B 90 -17.13 26.19 -18.60
CA LEU B 90 -16.05 25.54 -19.33
C LEU B 90 -15.99 25.91 -20.83
N SER B 91 -16.72 26.95 -21.25
CA SER B 91 -16.58 27.48 -22.63
C SER B 91 -15.17 28.01 -22.98
N PRO B 92 -14.42 28.58 -22.00
CA PRO B 92 -13.01 28.92 -22.25
C PRO B 92 -12.04 27.81 -22.69
N TYR B 93 -12.49 26.56 -22.75
CA TYR B 93 -11.59 25.43 -22.99
C TYR B 93 -12.02 24.56 -24.19
N GLU B 94 -11.25 24.64 -25.27
CA GLU B 94 -11.54 23.91 -26.51
C GLU B 94 -11.17 22.43 -26.46
N ASN B 95 -10.79 21.91 -25.28
CA ASN B 95 -10.35 20.54 -25.10
C ASN B 95 -11.17 19.78 -24.04
N VAL B 96 -12.42 20.20 -23.84
CA VAL B 96 -13.27 19.66 -22.80
C VAL B 96 -14.64 19.30 -23.38
N THR B 97 -14.85 18.02 -23.68
CA THR B 97 -16.17 17.53 -24.13
C THR B 97 -17.01 17.03 -22.94
N VAL B 98 -18.20 17.58 -22.74
CA VAL B 98 -19.11 17.14 -21.66
C VAL B 98 -20.15 16.15 -22.20
N ILE B 99 -20.01 14.89 -21.86
CA ILE B 99 -21.04 13.88 -22.17
C ILE B 99 -22.15 13.87 -21.07
N HIS B 100 -23.41 13.92 -21.47
CA HIS B 100 -24.55 13.77 -20.55
C HIS B 100 -25.00 12.32 -20.63
N GLN B 101 -24.25 11.47 -19.93
CA GLN B 101 -24.54 10.05 -19.88
C GLN B 101 -24.19 9.48 -18.51
N ASP B 102 -24.83 8.37 -18.16
CA ASP B 102 -24.49 7.62 -16.96
C ASP B 102 -23.36 6.67 -17.33
N VAL B 103 -22.17 6.90 -16.77
CA VAL B 103 -20.97 6.11 -17.12
C VAL B 103 -21.11 4.60 -16.89
N LEU B 104 -22.07 4.19 -16.05
CA LEU B 104 -22.41 2.77 -15.91
C LEU B 104 -23.02 2.12 -17.15
N LYS B 105 -23.63 2.95 -18.01
CA LYS B 105 -24.22 2.50 -19.27
C LYS B 105 -23.31 2.72 -20.49
N ALA B 106 -22.39 3.66 -20.43
CA ALA B 106 -21.59 3.99 -21.61
C ALA B 106 -20.60 2.86 -21.94
N ASP B 107 -20.30 2.69 -23.23
CA ASP B 107 -19.22 1.80 -23.68
C ASP B 107 -17.97 2.67 -23.71
N VAL B 108 -17.23 2.64 -22.61
CA VAL B 108 -16.09 3.52 -22.41
C VAL B 108 -14.96 3.16 -23.39
N LYS B 109 -14.85 1.87 -23.76
CA LYS B 109 -13.81 1.42 -24.72
C LYS B 109 -13.93 2.18 -26.04
N SER B 110 -15.15 2.23 -26.59
CA SER B 110 -15.40 2.94 -27.86
C SER B 110 -15.40 4.48 -27.71
N VAL B 111 -15.66 4.99 -26.50
CA VAL B 111 -15.57 6.44 -26.23
C VAL B 111 -14.12 6.88 -26.22
N ILE B 112 -13.21 6.01 -25.75
CA ILE B 112 -11.77 6.32 -25.73
C ILE B 112 -11.22 6.47 -27.15
N GLU B 113 -11.53 5.50 -28.01
CA GLU B 113 -11.12 5.59 -29.42
C GLU B 113 -11.71 6.81 -30.13
N GLU B 114 -12.99 7.11 -29.89
CA GLU B 114 -13.64 8.25 -30.52
C GLU B 114 -13.06 9.62 -30.09
N GLN B 115 -12.64 9.76 -28.82
CA GLN B 115 -12.36 11.07 -28.21
C GLN B 115 -10.92 11.38 -27.78
N PHE B 116 -10.06 10.36 -27.67
CA PHE B 116 -8.68 10.56 -27.18
C PHE B 116 -7.64 10.05 -28.19
N GLN B 117 -7.86 10.31 -29.48
CA GLN B 117 -6.96 9.85 -30.55
C GLN B 117 -5.56 10.49 -30.51
N ASP B 118 -5.45 11.69 -29.92
CA ASP B 118 -4.17 12.43 -29.86
C ASP B 118 -3.58 12.36 -28.44
N CYS B 119 -3.58 11.16 -27.83
CA CYS B 119 -3.17 10.97 -26.40
C CYS B 119 -2.30 9.71 -26.11
N ASP B 120 -1.23 9.86 -25.33
CA ASP B 120 -0.34 8.74 -25.03
C ASP B 120 -0.84 7.81 -23.92
N GLU B 121 -1.38 8.39 -22.85
CA GLU B 121 -1.89 7.63 -21.69
C GLU B 121 -3.27 8.13 -21.27
N ILE B 122 -4.01 7.33 -20.48
CA ILE B 122 -5.41 7.64 -20.09
C ILE B 122 -5.67 7.42 -18.60
N MET B 123 -6.21 8.45 -17.94
CA MET B 123 -6.54 8.42 -16.51
C MET B 123 -7.99 8.74 -16.31
N VAL B 124 -8.64 8.06 -15.36
CA VAL B 124 -9.94 8.46 -14.87
C VAL B 124 -9.71 9.27 -13.60
N VAL B 125 -10.43 10.38 -13.50
CA VAL B 125 -10.42 11.25 -12.33
C VAL B 125 -11.86 11.54 -11.94
N ALA B 126 -12.22 11.33 -10.69
CA ALA B 126 -13.63 11.40 -10.32
C ALA B 126 -13.87 11.87 -8.90
N ASN B 127 -15.13 12.16 -8.65
CA ASN B 127 -15.59 12.70 -7.40
C ASN B 127 -16.99 12.06 -7.23
N LEU B 128 -17.01 10.90 -6.62
CA LEU B 128 -18.22 10.08 -6.55
C LEU B 128 -18.78 10.05 -5.11
N PRO B 129 -20.11 10.01 -4.96
CA PRO B 129 -20.73 9.69 -3.66
C PRO B 129 -20.52 8.23 -3.25
N TYR B 130 -20.67 7.92 -1.98
CA TYR B 130 -20.46 6.54 -1.54
C TYR B 130 -21.37 5.51 -2.18
N TYR B 131 -22.67 5.76 -2.27
CA TYR B 131 -23.64 4.76 -2.83
C TYR B 131 -23.28 4.23 -4.22
N VAL B 132 -22.67 5.08 -5.06
CA VAL B 132 -22.25 4.67 -6.42
C VAL B 132 -20.79 4.26 -6.59
N THR B 133 -19.94 4.58 -5.62
CA THR B 133 -18.50 4.29 -5.73
C THR B 133 -18.22 2.82 -6.16
N THR B 134 -18.61 1.81 -5.38
CA THR B 134 -18.33 0.43 -5.75
C THR B 134 -18.75 0.04 -7.18
N PRO B 135 -20.01 0.29 -7.58
CA PRO B 135 -20.44 -0.02 -8.96
C PRO B 135 -19.58 0.55 -10.11
N ILE B 136 -19.32 1.87 -10.08
CA ILE B 136 -18.58 2.55 -11.14
C ILE B 136 -17.15 2.04 -11.21
N ILE B 137 -16.49 2.00 -10.05
CA ILE B 137 -15.10 1.55 -9.98
C ILE B 137 -15.03 0.15 -10.57
N MET B 138 -15.93 -0.69 -10.13
CA MET B 138 -15.93 -2.08 -10.57
C MET B 138 -16.35 -2.31 -12.01
N LYS B 139 -17.32 -1.54 -12.47
CA LYS B 139 -17.67 -1.55 -13.89
C LYS B 139 -16.42 -1.18 -14.71
N LEU B 140 -15.69 -0.15 -14.31
CA LEU B 140 -14.53 0.33 -15.08
C LEU B 140 -13.38 -0.69 -15.14
N LEU B 141 -13.12 -1.34 -14.01
CA LEU B 141 -12.01 -2.31 -13.95
C LEU B 141 -12.35 -3.61 -14.66
N GLU B 142 -13.62 -4.02 -14.57
CA GLU B 142 -14.10 -5.24 -15.22
C GLU B 142 -14.29 -5.05 -16.70
N GLU B 143 -14.46 -3.81 -17.16
CA GLU B 143 -14.61 -3.49 -18.61
C GLU B 143 -13.32 -3.63 -19.41
N HIS B 144 -12.19 -3.87 -18.72
CA HIS B 144 -10.85 -4.08 -19.33
C HIS B 144 -10.49 -2.97 -20.30
N LEU B 145 -10.36 -1.76 -19.76
CA LEU B 145 -10.05 -0.56 -20.52
C LEU B 145 -8.55 -0.36 -20.52
N PRO B 146 -8.03 0.47 -21.46
CA PRO B 146 -6.61 0.79 -21.47
C PRO B 146 -6.30 2.06 -20.65
N LEU B 147 -6.31 1.91 -19.32
CA LEU B 147 -6.07 2.99 -18.38
C LEU B 147 -4.70 2.91 -17.70
N LYS B 148 -4.04 4.05 -17.48
CA LYS B 148 -2.93 4.09 -16.51
C LYS B 148 -3.51 3.83 -15.10
N GLY B 149 -4.58 4.56 -14.76
CA GLY B 149 -5.13 4.51 -13.41
C GLY B 149 -6.36 5.35 -13.18
N ILE B 150 -6.87 5.24 -11.96
CA ILE B 150 -8.11 5.88 -11.53
C ILE B 150 -7.79 6.66 -10.24
N VAL B 151 -7.97 7.98 -10.26
CA VAL B 151 -7.86 8.80 -9.05
C VAL B 151 -9.25 9.32 -8.70
N VAL B 152 -9.82 8.85 -7.58
CA VAL B 152 -11.14 9.32 -7.18
C VAL B 152 -11.16 9.87 -5.79
N MET B 153 -11.97 10.91 -5.64
CA MET B 153 -12.30 11.48 -4.35
C MET B 153 -13.53 10.73 -3.91
N LEU B 154 -13.49 10.12 -2.74
CA LEU B 154 -14.63 9.41 -2.17
C LEU B 154 -14.65 9.56 -0.67
N GLN B 155 -15.60 8.90 0.00
CA GLN B 155 -15.61 8.91 1.45
C GLN B 155 -14.51 8.00 2.04
N LYS B 156 -13.92 8.49 3.14
CA LYS B 156 -12.79 7.82 3.81
C LYS B 156 -13.09 6.34 4.08
N GLU B 157 -14.29 6.08 4.59
CA GLU B 157 -14.74 4.74 4.94
C GLU B 157 -14.74 3.77 3.75
N VAL B 158 -14.91 4.27 2.52
CA VAL B 158 -14.83 3.45 1.30
C VAL B 158 -13.35 3.22 0.92
N ALA B 159 -12.57 4.31 0.94
CA ALA B 159 -11.12 4.21 0.72
C ALA B 159 -10.51 3.13 1.66
N GLU B 160 -10.81 3.30 2.94
CA GLU B 160 -10.35 2.39 3.99
C GLU B 160 -10.45 0.94 3.58
N ARG B 161 -11.56 0.58 2.92
CA ARG B 161 -11.82 -0.79 2.47
C ARG B 161 -11.20 -1.11 1.09
N MET B 162 -11.20 -0.15 0.17
CA MET B 162 -10.59 -0.40 -1.15
C MET B 162 -9.08 -0.61 -1.09
N ALA B 163 -8.39 0.25 -0.34
CA ALA B 163 -6.92 0.16 -0.17
C ALA B 163 -6.45 -0.56 1.10
N ALA B 164 -7.37 -1.31 1.73
CA ALA B 164 -7.08 -1.98 2.97
C ALA B 164 -5.88 -2.89 2.82
N ASP B 165 -4.98 -2.84 3.81
CA ASP B 165 -3.91 -3.82 3.92
C ASP B 165 -4.47 -5.16 4.42
N PRO B 166 -3.98 -6.29 3.89
CA PRO B 166 -4.44 -7.61 4.36
C PRO B 166 -4.52 -7.81 5.90
N SER B 167 -3.62 -7.18 6.65
CA SER B 167 -3.69 -7.24 8.12
C SER B 167 -4.85 -6.48 8.74
N SER B 168 -5.58 -5.69 7.95
CA SER B 168 -6.57 -4.79 8.51
C SER B 168 -7.82 -5.54 8.84
N LYS B 169 -8.54 -5.09 9.88
CA LYS B 169 -9.89 -5.61 10.18
C LYS B 169 -10.87 -5.29 9.04
N GLU B 170 -10.57 -4.26 8.25
CA GLU B 170 -11.39 -3.86 7.11
C GLU B 170 -11.01 -4.50 5.78
N TYR B 171 -10.09 -5.45 5.77
CA TYR B 171 -9.76 -6.14 4.52
C TYR B 171 -10.85 -7.13 4.23
N GLY B 172 -11.47 -7.03 3.07
CA GLY B 172 -12.55 -7.96 2.69
C GLY B 172 -12.78 -8.04 1.20
N SER B 173 -14.01 -8.40 0.80
CA SER B 173 -14.29 -8.67 -0.60
C SER B 173 -14.02 -7.45 -1.46
N LEU B 174 -14.46 -6.29 -1.01
CA LEU B 174 -14.23 -5.05 -1.78
C LEU B 174 -12.74 -4.81 -2.00
N SER B 175 -11.94 -4.94 -0.93
CA SER B 175 -10.47 -4.85 -1.00
C SER B 175 -9.91 -5.83 -2.04
N ILE B 176 -10.30 -7.10 -1.92
CA ILE B 176 -9.79 -8.12 -2.81
C ILE B 176 -10.16 -7.82 -4.25
N ALA B 177 -11.40 -7.37 -4.47
CA ALA B 177 -11.84 -7.05 -5.81
C ALA B 177 -10.97 -5.98 -6.45
N VAL B 178 -10.83 -4.83 -5.79
CA VAL B 178 -10.17 -3.68 -6.37
C VAL B 178 -8.68 -3.98 -6.50
N GLN B 179 -8.10 -4.64 -5.49
CA GLN B 179 -6.67 -4.93 -5.49
C GLN B 179 -6.31 -6.03 -6.49
N PHE B 180 -7.31 -6.79 -6.93
CA PHE B 180 -7.10 -7.79 -7.97
C PHE B 180 -6.66 -7.15 -9.26
N TYR B 181 -7.30 -6.02 -9.59
CA TYR B 181 -7.00 -5.30 -10.82
C TYR B 181 -6.04 -4.13 -10.62
N THR B 182 -5.91 -3.61 -9.40
CA THR B 182 -5.12 -2.40 -9.18
C THR B 182 -4.23 -2.46 -7.97
N GLU B 183 -3.24 -1.57 -7.95
CA GLU B 183 -2.54 -1.19 -6.73
C GLU B 183 -3.31 0.01 -6.16
N ALA B 184 -3.87 -0.16 -4.96
CA ALA B 184 -4.72 0.87 -4.35
C ALA B 184 -4.00 1.54 -3.19
N LYS B 185 -4.03 2.88 -3.16
CA LYS B 185 -3.47 3.61 -2.03
C LYS B 185 -4.11 4.97 -1.87
N THR B 186 -4.46 5.33 -0.63
CA THR B 186 -4.88 6.69 -0.32
C THR B 186 -3.68 7.64 -0.41
N VAL B 187 -3.84 8.70 -1.20
CA VAL B 187 -2.79 9.70 -1.42
C VAL B 187 -3.11 11.09 -0.86
N MET B 188 -4.37 11.34 -0.45
CA MET B 188 -4.77 12.61 0.24
C MET B 188 -5.92 12.37 1.22
N ILE B 189 -5.86 13.10 2.33
CA ILE B 189 -6.92 13.17 3.33
C ILE B 189 -7.46 14.59 3.16
N VAL B 190 -8.74 14.69 2.88
CA VAL B 190 -9.29 15.93 2.33
C VAL B 190 -10.39 16.35 3.30
N PRO B 191 -10.18 17.47 4.02
CA PRO B 191 -11.13 17.80 5.07
C PRO B 191 -12.43 18.38 4.55
N LYS B 192 -13.42 18.39 5.45
CA LYS B 192 -14.77 18.89 5.15
C LYS B 192 -14.80 20.30 4.53
N THR B 193 -13.82 21.14 4.83
CA THR B 193 -13.86 22.55 4.45
C THR B 193 -13.69 22.83 2.94
N VAL B 194 -13.29 21.83 2.17
CA VAL B 194 -13.02 22.03 0.74
C VAL B 194 -14.24 21.73 -0.15
N PHE B 195 -15.37 21.40 0.46
CA PHE B 195 -16.63 21.16 -0.24
C PHE B 195 -17.68 22.20 0.18
N VAL B 196 -18.59 22.54 -0.74
CA VAL B 196 -19.85 23.23 -0.40
C VAL B 196 -21.01 22.44 -1.01
N PRO B 197 -22.00 22.05 -0.18
CA PRO B 197 -21.94 22.12 1.27
C PRO B 197 -20.94 21.11 1.83
N GLN B 198 -20.47 21.36 3.05
CA GLN B 198 -19.55 20.45 3.75
C GLN B 198 -20.21 19.07 3.87
N PRO B 199 -19.47 17.99 3.55
CA PRO B 199 -20.11 16.70 3.67
C PRO B 199 -20.18 16.25 5.14
N ASN B 200 -20.87 15.14 5.37
CA ASN B 200 -21.04 14.59 6.72
C ASN B 200 -19.70 14.14 7.37
N VAL B 201 -18.76 13.62 6.58
CA VAL B 201 -17.42 13.25 7.06
C VAL B 201 -16.31 13.80 6.19
N ASP B 202 -15.08 13.68 6.67
CA ASP B 202 -13.89 13.92 5.85
C ASP B 202 -13.76 12.85 4.73
N SER B 203 -13.27 13.31 3.58
CA SER B 203 -13.22 12.48 2.40
C SER B 203 -11.76 12.13 2.19
N ALA B 204 -11.43 11.47 1.08
CA ALA B 204 -10.06 11.07 0.80
C ALA B 204 -9.87 10.92 -0.69
N VAL B 205 -8.64 11.08 -1.18
CA VAL B 205 -8.33 10.77 -2.59
C VAL B 205 -7.56 9.46 -2.71
N ILE B 206 -8.17 8.48 -3.35
CA ILE B 206 -7.55 7.19 -3.52
C ILE B 206 -7.01 7.10 -4.95
N ARG B 207 -5.83 6.54 -5.11
CA ARG B 207 -5.28 6.27 -6.42
C ARG B 207 -5.22 4.76 -6.68
N LEU B 208 -5.76 4.37 -7.82
CA LEU B 208 -5.71 2.99 -8.27
C LEU B 208 -4.91 2.97 -9.56
N ILE B 209 -3.85 2.17 -9.57
CA ILE B 209 -3.02 2.01 -10.76
C ILE B 209 -3.25 0.58 -11.20
N LEU B 210 -3.60 0.40 -12.48
CA LEU B 210 -3.97 -0.92 -13.03
C LEU B 210 -2.71 -1.75 -13.27
N ARG B 211 -2.89 -3.05 -13.57
CA ARG B 211 -1.80 -3.99 -13.89
C ARG B 211 -2.01 -4.57 -15.30
#